data_2M4P
#
_entry.id   2M4P
#
_entity_poly.entity_id   1
_entity_poly.type   'polydeoxyribonucleotide'
_entity_poly.pdbx_seq_one_letter_code
;(DT)(DT)(DG)(DT)(DG)(DG)(DT)(DG)(DG)(DG)(DT)(DG)(DG)(DG)(DT)(DG)(DG)(DG)(DT)
;
_entity_poly.pdbx_strand_id   A
#